data_5U52
#
_entry.id   5U52
#
_cell.length_a   58.392
_cell.length_b   76.390
_cell.length_c   66.202
_cell.angle_alpha   90.00
_cell.angle_beta   112.99
_cell.angle_gamma   90.00
#
_symmetry.space_group_name_H-M   'P 1 21 1'
#
loop_
_entity.id
_entity.type
_entity.pdbx_description
1 polymer 'IGG1 FC'
2 polymer 'Mini Z domain'
3 branched beta-D-galactopyranose-(1-4)-2-acetamido-2-deoxy-beta-D-glucopyranose-(1-2)-alpha-D-mannopyranose-(1-6)-[alpha-D-mannopyranose-(1-3)]alpha-D-mannopyranose-(1-4)-2-acetamido-2-deoxy-beta-D-glucopyranose-(1-4)-[alpha-L-fucopyranose-(1-6)]2-acetamido-2-deoxy-beta-D-glucopyranose
4 water water
#
loop_
_entity_poly.entity_id
_entity_poly.type
_entity_poly.pdbx_seq_one_letter_code
_entity_poly.pdbx_strand_id
1 'polypeptide(L)'
;GGGPSVFLFPPKPKDTLMISRTPEVTCVVVDVSHEDPEVKFNWYVDGVEVHNAKTKPREEQYNSTYRVVSVLTVLHQDWL
NGKEYKCKVSNKALPAPIEKTISKAKGQPREPQVYTLPPSREEMTKNQVSLTCLVKGFYPSDIAVEWESNGQPENNYKTT
PPVLDSDGSFFLYSKLTVDKSRWQQGNVFSCSVMHEALHNHYTQKSLSL
;
A,B
2 'polypeptide(L)' FNMQCQRRFYEALHDPNLNEEQRNAKIKSIRDDC E,Z
#
# COMPACT_ATOMS: atom_id res chain seq x y z
N GLY A 3 -18.31 -9.31 22.26
CA GLY A 3 -19.03 -8.04 22.30
C GLY A 3 -18.49 -7.03 21.31
N PRO A 4 -18.45 -5.75 21.71
CA PRO A 4 -17.85 -4.70 20.87
C PRO A 4 -16.35 -4.88 20.65
N SER A 5 -15.81 -4.16 19.67
CA SER A 5 -14.39 -4.22 19.34
C SER A 5 -13.79 -2.82 19.34
N VAL A 6 -12.52 -2.72 19.73
CA VAL A 6 -11.85 -1.44 19.85
C VAL A 6 -10.64 -1.34 18.94
N PHE A 7 -10.47 -0.20 18.28
CA PHE A 7 -9.29 0.08 17.47
C PHE A 7 -8.73 1.46 17.82
N LEU A 8 -7.41 1.55 17.91
CA LEU A 8 -6.76 2.79 18.29
C LEU A 8 -5.84 3.26 17.14
N PHE A 9 -6.01 4.51 16.71
CA PHE A 9 -5.28 5.02 15.54
C PHE A 9 -4.35 6.17 15.89
N PRO A 10 -3.17 6.19 15.27
CA PRO A 10 -2.18 7.24 15.53
C PRO A 10 -2.53 8.57 14.84
N PRO A 11 -1.81 9.65 15.20
CA PRO A 11 -2.00 10.91 14.47
C PRO A 11 -1.46 10.85 13.04
N LYS A 12 -1.86 11.82 12.21
CA LYS A 12 -1.30 11.94 10.87
C LYS A 12 0.15 12.44 10.96
N PRO A 13 1.04 11.91 10.11
CA PRO A 13 2.46 12.26 10.15
C PRO A 13 2.73 13.76 10.09
N LYS A 14 2.06 14.47 9.19
CA LYS A 14 2.28 15.91 9.06
C LYS A 14 1.86 16.64 10.33
N ASP A 15 0.79 16.16 10.97
CA ASP A 15 0.25 16.82 12.17
C ASP A 15 1.23 16.78 13.34
N THR A 16 2.02 15.73 13.45
CA THR A 16 2.99 15.62 14.54
C THR A 16 4.25 16.44 14.28
N LEU A 17 4.52 16.75 13.02
CA LEU A 17 5.78 17.40 12.65
C LEU A 17 5.69 18.91 12.51
N MET A 18 4.50 19.41 12.22
CA MET A 18 4.30 20.83 11.96
C MET A 18 3.58 21.49 13.15
N ILE A 19 4.20 22.51 13.72
CA ILE A 19 3.69 23.10 14.95
C ILE A 19 2.36 23.83 14.73
N SER A 20 2.10 24.23 13.49
CA SER A 20 0.85 24.89 13.15
C SER A 20 -0.34 23.92 13.15
N ARG A 21 -0.07 22.62 13.16
CA ARG A 21 -1.11 21.59 13.14
C ARG A 21 -1.43 21.03 14.54
N THR A 22 -2.52 20.28 14.64
CA THR A 22 -2.94 19.67 15.90
C THR A 22 -3.10 18.16 15.78
N PRO A 23 -2.12 17.39 16.30
CA PRO A 23 -2.15 15.93 16.24
C PRO A 23 -3.11 15.31 17.26
N GLU A 24 -3.79 14.24 16.85
CA GLU A 24 -4.73 13.58 17.74
C GLU A 24 -4.68 12.05 17.60
N VAL A 25 -4.90 11.35 18.71
CA VAL A 25 -5.04 9.90 18.70
C VAL A 25 -6.54 9.57 18.75
N THR A 26 -6.96 8.57 17.98
CA THR A 26 -8.38 8.28 17.83
C THR A 26 -8.74 6.87 18.29
N CYS A 27 -9.65 6.76 19.26
CA CYS A 27 -10.10 5.47 19.75
C CYS A 27 -11.49 5.18 19.20
N VAL A 28 -11.61 4.07 18.47
CA VAL A 28 -12.86 3.73 17.79
C VAL A 28 -13.46 2.43 18.33
N VAL A 29 -14.73 2.49 18.70
CA VAL A 29 -15.43 1.32 19.22
C VAL A 29 -16.54 0.90 18.26
N VAL A 30 -16.46 -0.32 17.75
CA VAL A 30 -17.46 -0.83 16.82
C VAL A 30 -18.26 -1.96 17.44
N ASP A 31 -19.34 -2.35 16.78
CA ASP A 31 -20.23 -3.43 17.22
C ASP A 31 -20.88 -3.14 18.58
N VAL A 32 -21.29 -1.90 18.77
CA VAL A 32 -22.08 -1.53 19.94
C VAL A 32 -23.54 -1.81 19.65
N SER A 33 -24.24 -2.46 20.59
CA SER A 33 -25.61 -2.91 20.38
C SER A 33 -26.64 -1.83 20.70
N HIS A 34 -27.86 -2.02 20.23
CA HIS A 34 -28.96 -1.10 20.52
C HIS A 34 -29.33 -1.13 22.00
N GLU A 35 -29.10 -2.29 22.61
CA GLU A 35 -29.54 -2.55 23.97
C GLU A 35 -28.64 -1.95 25.05
N ASP A 36 -27.34 -1.93 24.77
CA ASP A 36 -26.34 -1.46 25.72
C ASP A 36 -25.47 -0.43 25.04
N PRO A 37 -26.07 0.72 24.70
CA PRO A 37 -25.40 1.68 23.83
C PRO A 37 -24.40 2.56 24.57
N GLU A 38 -24.40 2.50 25.90
CA GLU A 38 -23.55 3.39 26.68
C GLU A 38 -22.10 2.90 26.69
N VAL A 39 -21.19 3.78 26.29
CA VAL A 39 -19.78 3.44 26.23
C VAL A 39 -18.95 4.42 27.04
N LYS A 40 -18.01 3.87 27.78
CA LYS A 40 -17.16 4.65 28.62
C LYS A 40 -15.68 4.65 28.20
N PHE A 41 -15.03 5.82 28.16
CA PHE A 41 -13.60 5.91 27.78
C PHE A 41 -12.75 6.43 28.92
N ASN A 42 -11.69 5.70 29.26
CA ASN A 42 -10.65 6.22 30.14
C ASN A 42 -9.34 6.27 29.38
N TRP A 43 -8.72 7.45 29.36
CA TRP A 43 -7.47 7.65 28.63
C TRP A 43 -6.27 7.78 29.56
N TYR A 44 -5.14 7.22 29.16
CA TYR A 44 -3.90 7.31 29.94
C TYR A 44 -2.72 7.68 29.07
N VAL A 45 -1.84 8.52 29.61
CA VAL A 45 -0.61 8.91 28.91
C VAL A 45 0.56 8.51 29.81
N ASP A 46 1.34 7.54 29.36
CA ASP A 46 2.37 6.93 30.20
C ASP A 46 1.82 6.53 31.57
N GLY A 47 0.62 5.97 31.59
CA GLY A 47 0.04 5.48 32.83
C GLY A 47 -0.70 6.52 33.66
N VAL A 48 -0.63 7.77 33.26
CA VAL A 48 -1.30 8.86 33.97
C VAL A 48 -2.64 9.20 33.32
N GLU A 49 -3.72 9.19 34.09
CA GLU A 49 -5.04 9.45 33.50
C GLU A 49 -5.20 10.91 33.08
N VAL A 50 -5.78 11.12 31.90
CA VAL A 50 -6.06 12.46 31.37
C VAL A 50 -7.55 12.56 31.05
N HIS A 51 -8.09 13.78 31.08
CA HIS A 51 -9.54 13.97 31.05
C HIS A 51 -10.02 14.90 29.92
N ASN A 52 -9.13 15.27 29.02
CA ASN A 52 -9.44 16.27 27.99
C ASN A 52 -9.90 15.71 26.65
N ALA A 53 -10.23 14.43 26.61
CA ALA A 53 -10.66 13.80 25.35
C ALA A 53 -11.98 14.38 24.88
N LYS A 54 -12.20 14.35 23.56
CA LYS A 54 -13.47 14.81 23.01
C LYS A 54 -14.19 13.61 22.45
N THR A 55 -15.32 13.28 23.06
CA THR A 55 -16.06 12.10 22.68
C THR A 55 -17.31 12.46 21.89
N LYS A 56 -17.47 11.82 20.72
CA LYS A 56 -18.60 12.09 19.83
C LYS A 56 -19.80 11.21 20.19
N PRO A 57 -21.01 11.67 19.84
CA PRO A 57 -22.22 10.85 20.02
C PRO A 57 -22.18 9.62 19.11
N ARG A 58 -22.85 8.55 19.52
CA ARG A 58 -22.89 7.31 18.78
C ARG A 58 -23.51 7.49 17.40
N GLU A 59 -23.03 6.72 16.43
CA GLU A 59 -23.59 6.77 15.09
C GLU A 59 -24.06 5.37 14.68
N GLU A 60 -25.28 5.26 14.17
CA GLU A 60 -25.80 3.97 13.72
C GLU A 60 -25.18 3.63 12.37
N GLN A 61 -24.80 2.37 12.18
CA GLN A 61 -24.14 1.94 10.94
C GLN A 61 -25.08 1.18 10.01
N TYR A 62 -24.59 0.89 8.81
CA TYR A 62 -25.37 0.18 7.79
C TYR A 62 -25.75 -1.23 8.24
N ASN A 63 -24.90 -1.85 9.06
CA ASN A 63 -25.19 -3.18 9.58
C ASN A 63 -25.92 -3.14 10.92
N SER A 64 -26.53 -1.99 11.21
CA SER A 64 -27.40 -1.80 12.38
C SER A 64 -26.67 -1.86 13.72
N THR A 65 -25.35 -1.77 13.71
CA THR A 65 -24.61 -1.66 14.96
C THR A 65 -24.27 -0.20 15.22
N TYR A 66 -23.86 0.14 16.44
CA TYR A 66 -23.43 1.50 16.74
C TYR A 66 -21.92 1.62 16.65
N ARG A 67 -21.45 2.83 16.38
CA ARG A 67 -20.03 3.16 16.34
C ARG A 67 -19.76 4.38 17.20
N VAL A 68 -18.78 4.30 18.09
CA VAL A 68 -18.49 5.40 19.02
C VAL A 68 -17.02 5.78 18.97
N VAL A 69 -16.75 7.08 18.88
CA VAL A 69 -15.38 7.55 18.71
C VAL A 69 -14.97 8.57 19.78
N SER A 70 -13.76 8.40 20.29
CA SER A 70 -13.20 9.37 21.24
C SER A 70 -11.87 9.88 20.68
N VAL A 71 -11.67 11.20 20.75
CA VAL A 71 -10.48 11.81 20.18
C VAL A 71 -9.64 12.52 21.24
N LEU A 72 -8.38 12.13 21.37
CA LEU A 72 -7.49 12.76 22.34
C LEU A 72 -6.42 13.59 21.62
N THR A 73 -6.40 14.88 21.90
CA THR A 73 -5.36 15.74 21.36
C THR A 73 -4.06 15.50 22.12
N VAL A 74 -2.95 15.40 21.40
CA VAL A 74 -1.67 15.12 22.01
C VAL A 74 -0.66 16.22 21.72
N LEU A 75 0.33 16.36 22.60
CA LEU A 75 1.44 17.29 22.39
C LEU A 75 2.41 16.69 21.40
N HIS A 76 2.83 17.51 20.43
CA HIS A 76 3.78 17.11 19.40
C HIS A 76 4.99 16.39 19.99
N GLN A 77 5.60 17.03 20.99
CA GLN A 77 6.84 16.54 21.59
C GLN A 77 6.61 15.25 22.37
N ASP A 78 5.40 15.07 22.91
CA ASP A 78 5.07 13.84 23.63
C ASP A 78 5.04 12.62 22.71
N TRP A 79 4.38 12.77 21.56
CA TRP A 79 4.33 11.69 20.57
C TRP A 79 5.71 11.36 20.05
N LEU A 80 6.45 12.39 19.66
CA LEU A 80 7.78 12.23 19.08
C LEU A 80 8.80 11.66 20.09
N ASN A 81 8.58 11.90 21.38
CA ASN A 81 9.47 11.36 22.41
C ASN A 81 9.03 10.00 22.94
N GLY A 82 8.03 9.40 22.31
CA GLY A 82 7.70 8.02 22.56
C GLY A 82 6.77 7.71 23.72
N LYS A 83 5.99 8.69 24.16
CA LYS A 83 5.02 8.41 25.21
C LYS A 83 3.97 7.43 24.70
N GLU A 84 3.47 6.58 25.60
CA GLU A 84 2.46 5.59 25.27
C GLU A 84 1.05 6.11 25.57
N TYR A 85 0.11 5.87 24.66
CA TYR A 85 -1.27 6.31 24.83
C TYR A 85 -2.18 5.10 24.92
N LYS A 86 -3.02 5.07 25.95
CA LYS A 86 -3.88 3.92 26.18
C LYS A 86 -5.34 4.35 26.25
N CYS A 87 -6.17 3.60 25.54
CA CYS A 87 -7.62 3.81 25.54
C CYS A 87 -8.24 2.60 26.22
N LYS A 88 -9.03 2.83 27.26
CA LYS A 88 -9.69 1.74 27.98
C LYS A 88 -11.20 1.90 27.86
N VAL A 89 -11.87 0.89 27.33
CA VAL A 89 -13.28 0.99 27.00
C VAL A 89 -14.13 0.10 27.89
N SER A 90 -15.15 0.69 28.51
CA SER A 90 -16.10 -0.06 29.33
C SER A 90 -17.49 -0.05 28.70
N ASN A 91 -18.10 -1.23 28.68
CA ASN A 91 -19.46 -1.42 28.16
C ASN A 91 -20.03 -2.66 28.85
N LYS A 92 -21.32 -2.64 29.19
CA LYS A 92 -21.87 -3.74 29.99
C LYS A 92 -21.87 -5.06 29.22
N ALA A 93 -21.91 -4.98 27.89
CA ALA A 93 -21.86 -6.20 27.08
C ALA A 93 -20.50 -6.87 27.19
N LEU A 94 -19.52 -6.14 27.70
CA LEU A 94 -18.18 -6.68 27.92
C LEU A 94 -18.04 -7.18 29.35
N PRO A 95 -17.57 -8.43 29.51
CA PRO A 95 -17.31 -9.01 30.84
C PRO A 95 -16.22 -8.24 31.60
N ALA A 96 -15.22 -7.76 30.87
CA ALA A 96 -14.15 -6.93 31.42
C ALA A 96 -13.79 -5.84 30.41
N PRO A 97 -13.24 -4.71 30.88
CA PRO A 97 -12.88 -3.62 29.97
C PRO A 97 -11.83 -4.01 28.93
N ILE A 98 -11.92 -3.42 27.75
CA ILE A 98 -10.94 -3.66 26.69
C ILE A 98 -9.93 -2.52 26.67
N GLU A 99 -8.65 -2.86 26.60
CA GLU A 99 -7.56 -1.88 26.59
C GLU A 99 -6.72 -1.97 25.32
N LYS A 100 -6.43 -0.83 24.72
CA LYS A 100 -5.53 -0.76 23.58
C LYS A 100 -4.46 0.31 23.84
N THR A 101 -3.24 0.06 23.38
CA THR A 101 -2.14 0.99 23.57
C THR A 101 -1.40 1.23 22.25
N ILE A 102 -1.04 2.48 21.98
CA ILE A 102 -0.19 2.79 20.84
C ILE A 102 0.89 3.80 21.19
N SER A 103 1.93 3.82 20.37
CA SER A 103 3.01 4.78 20.52
C SER A 103 3.74 4.88 19.19
N LYS A 104 4.66 5.83 19.08
CA LYS A 104 5.47 5.96 17.88
C LYS A 104 6.30 4.69 17.70
N ALA A 105 6.60 4.33 16.45
CA ALA A 105 7.46 3.18 16.17
C ALA A 105 8.83 3.34 16.83
N LYS A 106 9.32 2.29 17.47
CA LYS A 106 10.64 2.36 18.09
C LYS A 106 11.71 2.00 17.08
N GLY A 107 12.96 2.28 17.43
CA GLY A 107 14.08 2.05 16.53
C GLY A 107 14.74 3.38 16.18
N GLN A 108 15.99 3.30 15.74
CA GLN A 108 16.78 4.49 15.45
C GLN A 108 16.26 5.25 14.25
N PRO A 109 15.94 6.53 14.45
CA PRO A 109 15.48 7.34 13.32
C PRO A 109 16.60 7.48 12.28
N ARG A 110 16.22 7.49 11.00
CA ARG A 110 17.17 7.64 9.91
C ARG A 110 16.71 8.75 8.98
N GLU A 111 17.63 9.63 8.56
CA GLU A 111 17.27 10.76 7.72
C GLU A 111 16.96 10.33 6.30
N PRO A 112 15.84 10.82 5.75
CA PRO A 112 15.48 10.51 4.35
C PRO A 112 16.44 11.13 3.37
N GLN A 113 16.76 10.40 2.31
CA GLN A 113 17.51 10.91 1.17
C GLN A 113 16.51 11.27 0.07
N VAL A 114 16.59 12.50 -0.43
CA VAL A 114 15.61 12.98 -1.39
C VAL A 114 16.26 13.26 -2.74
N TYR A 115 15.77 12.58 -3.78
CA TYR A 115 16.29 12.74 -5.13
C TYR A 115 15.17 13.11 -6.11
N THR A 116 15.40 14.12 -6.93
CA THR A 116 14.41 14.43 -7.95
C THR A 116 14.86 13.87 -9.31
N LEU A 117 13.90 13.33 -10.06
CA LEU A 117 14.19 12.71 -11.35
C LEU A 117 13.34 13.34 -12.43
N PRO A 118 13.97 13.81 -13.52
CA PRO A 118 13.22 14.44 -14.61
C PRO A 118 12.41 13.40 -15.40
N PRO A 119 11.48 13.85 -16.26
CA PRO A 119 10.75 12.89 -17.09
C PRO A 119 11.66 12.13 -18.03
N SER A 120 11.26 10.93 -18.41
CA SER A 120 12.00 10.15 -19.40
C SER A 120 11.97 10.83 -20.76
N ARG A 121 12.99 10.60 -21.58
CA ARG A 121 12.97 11.10 -22.95
C ARG A 121 11.79 10.51 -23.73
N GLU A 122 11.43 9.26 -23.43
CA GLU A 122 10.27 8.61 -24.05
C GLU A 122 8.98 9.36 -23.78
N GLU A 123 8.88 10.00 -22.61
CA GLU A 123 7.64 10.64 -22.19
C GLU A 123 7.48 12.02 -22.83
N MET A 124 8.55 12.56 -23.39
CA MET A 124 8.53 13.90 -23.96
C MET A 124 7.72 13.89 -25.25
N THR A 125 7.26 12.72 -25.70
CA THR A 125 6.29 12.65 -26.76
C THR A 125 4.88 12.93 -26.25
N LYS A 126 4.71 13.18 -24.95
CA LYS A 126 3.35 13.38 -24.46
C LYS A 126 3.01 14.86 -24.20
N ASN A 127 1.70 15.15 -24.12
CA ASN A 127 1.22 16.50 -23.84
C ASN A 127 1.50 16.86 -22.38
N GLN A 128 1.50 15.83 -21.54
CA GLN A 128 1.79 16.00 -20.12
C GLN A 128 2.99 15.13 -19.75
N VAL A 129 3.78 15.57 -18.77
CA VAL A 129 4.95 14.81 -18.36
C VAL A 129 4.98 14.60 -16.85
N SER A 130 5.76 13.62 -16.41
CA SER A 130 5.83 13.23 -15.01
C SER A 130 7.15 13.63 -14.35
N LEU A 131 7.06 14.37 -13.25
CA LEU A 131 8.22 14.73 -12.45
C LEU A 131 8.25 13.80 -11.23
N THR A 132 9.39 13.22 -10.94
CA THR A 132 9.47 12.19 -9.88
C THR A 132 10.33 12.63 -8.70
N CYS A 133 9.84 12.35 -7.50
CA CYS A 133 10.60 12.56 -6.28
C CYS A 133 10.80 11.21 -5.61
N LEU A 134 12.06 10.78 -5.47
CA LEU A 134 12.38 9.55 -4.74
C LEU A 134 12.82 9.93 -3.33
N VAL A 135 12.17 9.32 -2.34
CA VAL A 135 12.53 9.54 -0.94
C VAL A 135 12.87 8.18 -0.33
N LYS A 136 14.12 8.01 0.10
CA LYS A 136 14.55 6.69 0.55
C LYS A 136 15.38 6.71 1.83
N GLY A 137 15.51 5.53 2.43
CA GLY A 137 16.39 5.33 3.56
C GLY A 137 15.89 5.95 4.85
N PHE A 138 14.57 6.17 4.97
CA PHE A 138 14.06 6.83 6.18
C PHE A 138 13.41 5.87 7.18
N TYR A 139 13.46 6.26 8.45
CA TYR A 139 12.80 5.53 9.53
C TYR A 139 12.50 6.52 10.66
N PRO A 140 11.31 6.43 11.27
CA PRO A 140 10.23 5.48 10.97
C PRO A 140 9.45 5.88 9.73
N SER A 141 8.35 5.17 9.44
CA SER A 141 7.64 5.35 8.18
C SER A 141 6.76 6.61 8.11
N ASP A 142 6.65 7.37 9.20
CA ASP A 142 5.86 8.60 9.22
C ASP A 142 6.50 9.71 8.40
N ILE A 143 5.83 10.15 7.34
CA ILE A 143 6.42 11.12 6.43
C ILE A 143 5.32 11.81 5.63
N ALA A 144 5.60 13.02 5.16
CA ALA A 144 4.68 13.74 4.27
C ALA A 144 5.45 14.41 3.14
N VAL A 145 4.84 14.45 1.95
CA VAL A 145 5.47 15.00 0.75
C VAL A 145 4.53 15.96 0.02
N GLU A 146 5.05 17.11 -0.41
CA GLU A 146 4.26 18.08 -1.17
C GLU A 146 5.10 18.71 -2.29
N TRP A 147 4.41 19.34 -3.25
CA TRP A 147 5.09 19.97 -4.37
C TRP A 147 4.72 21.45 -4.48
N GLU A 148 5.65 22.28 -4.93
CA GLU A 148 5.34 23.68 -5.19
C GLU A 148 6.09 24.21 -6.41
N SER A 149 5.62 25.32 -6.95
CA SER A 149 6.29 26.02 -8.03
C SER A 149 6.01 27.51 -7.94
N ASN A 150 7.05 28.32 -8.04
CA ASN A 150 6.92 29.78 -8.01
C ASN A 150 6.17 30.29 -6.78
N GLY A 151 6.49 29.71 -5.62
CA GLY A 151 5.87 30.09 -4.36
C GLY A 151 4.37 29.84 -4.26
N GLN A 152 3.91 28.81 -4.95
CA GLN A 152 2.53 28.34 -4.90
C GLN A 152 2.49 26.81 -4.89
N PRO A 153 1.54 26.23 -4.14
CA PRO A 153 1.40 24.78 -4.19
C PRO A 153 0.93 24.24 -5.54
N GLU A 154 1.51 23.12 -5.95
CA GLU A 154 1.05 22.37 -7.11
C GLU A 154 0.16 21.25 -6.58
N ASN A 155 -0.97 20.99 -7.24
CA ASN A 155 -1.94 20.04 -6.73
C ASN A 155 -2.05 18.71 -7.47
N ASN A 156 -1.56 18.66 -8.70
CA ASN A 156 -1.72 17.47 -9.52
C ASN A 156 -0.62 16.46 -9.27
N TYR A 157 -0.54 15.97 -8.03
CA TYR A 157 0.45 14.96 -7.69
C TYR A 157 -0.17 13.84 -6.87
N LYS A 158 0.51 12.69 -6.89
CA LYS A 158 0.09 11.52 -6.13
C LYS A 158 1.35 10.90 -5.53
N THR A 159 1.22 10.36 -4.33
CA THR A 159 2.36 9.77 -3.62
C THR A 159 2.08 8.32 -3.25
N THR A 160 3.06 7.42 -3.45
CA THR A 160 2.86 6.03 -3.04
C THR A 160 2.95 5.91 -1.52
N PRO A 161 2.31 4.88 -0.95
CA PRO A 161 2.54 4.65 0.50
C PRO A 161 3.99 4.21 0.72
N PRO A 162 4.49 4.32 1.96
CA PRO A 162 5.86 3.87 2.23
C PRO A 162 6.02 2.37 1.99
N VAL A 163 7.17 1.98 1.46
CA VAL A 163 7.47 0.58 1.20
C VAL A 163 8.70 0.16 1.99
N LEU A 164 8.63 -0.99 2.66
CA LEU A 164 9.77 -1.51 3.42
C LEU A 164 10.89 -1.95 2.48
N ASP A 165 12.08 -1.39 2.66
CA ASP A 165 13.24 -1.73 1.84
C ASP A 165 14.02 -2.88 2.49
N SER A 166 15.01 -3.40 1.77
CA SER A 166 15.76 -4.57 2.23
C SER A 166 16.56 -4.34 3.51
N ASP A 167 16.95 -3.08 3.76
CA ASP A 167 17.78 -2.78 4.93
C ASP A 167 16.94 -2.37 6.15
N GLY A 168 15.63 -2.54 6.06
CA GLY A 168 14.75 -2.20 7.17
C GLY A 168 14.30 -0.76 7.21
N SER A 169 14.81 0.07 6.29
CA SER A 169 14.33 1.44 6.15
C SER A 169 13.16 1.46 5.14
N PHE A 170 12.58 2.64 4.94
CA PHE A 170 11.45 2.79 4.01
C PHE A 170 11.80 3.69 2.83
N PHE A 171 11.10 3.50 1.72
CA PHE A 171 11.14 4.45 0.60
C PHE A 171 9.75 4.70 0.04
N LEU A 172 9.61 5.78 -0.73
CA LEU A 172 8.39 6.04 -1.48
C LEU A 172 8.72 6.88 -2.70
N TYR A 173 7.76 6.98 -3.61
CA TYR A 173 7.87 7.89 -4.74
C TYR A 173 6.71 8.87 -4.75
N SER A 174 6.96 10.10 -5.19
CA SER A 174 5.90 11.06 -5.45
C SER A 174 5.96 11.53 -6.91
N LYS A 175 4.81 11.59 -7.56
CA LYS A 175 4.73 11.93 -8.97
C LYS A 175 3.86 13.17 -9.20
N LEU A 176 4.48 14.23 -9.74
CA LEU A 176 3.76 15.44 -10.11
C LEU A 176 3.59 15.46 -11.63
N THR A 177 2.37 15.69 -12.08
CA THR A 177 2.05 15.78 -13.50
C THR A 177 1.91 17.24 -13.89
N VAL A 178 2.64 17.66 -14.91
CA VAL A 178 2.57 19.03 -15.42
C VAL A 178 2.44 19.07 -16.93
N ASP A 179 1.89 20.19 -17.44
CA ASP A 179 1.92 20.46 -18.87
C ASP A 179 3.36 20.49 -19.35
N LYS A 180 3.63 19.83 -20.48
CA LYS A 180 4.99 19.77 -21.01
C LYS A 180 5.58 21.17 -21.22
N SER A 181 4.73 22.11 -21.61
CA SER A 181 5.20 23.47 -21.90
C SER A 181 5.75 24.17 -20.66
N ARG A 182 5.17 23.93 -19.49
CA ARG A 182 5.71 24.51 -18.25
C ARG A 182 7.06 23.92 -17.92
N TRP A 183 7.24 22.64 -18.22
CA TRP A 183 8.49 21.97 -17.96
C TRP A 183 9.57 22.54 -18.86
N GLN A 184 9.25 22.67 -20.14
CA GLN A 184 10.19 23.21 -21.12
C GLN A 184 10.48 24.70 -20.92
N GLN A 185 9.57 25.42 -20.26
CA GLN A 185 9.76 26.85 -19.98
C GLN A 185 10.91 27.11 -19.02
N GLY A 186 11.36 26.08 -18.32
CA GLY A 186 12.46 26.22 -17.38
C GLY A 186 12.00 26.61 -16.00
N ASN A 187 10.70 26.47 -15.73
CA ASN A 187 10.16 26.70 -14.39
C ASN A 187 10.77 25.74 -13.38
N VAL A 188 10.96 26.22 -12.15
CA VAL A 188 11.57 25.41 -11.12
C VAL A 188 10.48 24.76 -10.27
N PHE A 189 10.56 23.45 -10.11
CA PHE A 189 9.61 22.73 -9.26
C PHE A 189 10.34 22.19 -8.05
N SER A 190 9.66 22.17 -6.92
CA SER A 190 10.27 21.74 -5.68
C SER A 190 9.48 20.64 -4.98
N CYS A 191 10.19 19.62 -4.54
CA CYS A 191 9.63 18.52 -3.77
C CYS A 191 9.91 18.80 -2.30
N SER A 192 8.85 18.95 -1.50
CA SER A 192 8.99 19.22 -0.06
C SER A 192 8.73 17.98 0.76
N VAL A 193 9.65 17.67 1.68
CA VAL A 193 9.52 16.46 2.49
C VAL A 193 9.58 16.79 3.98
N MET A 194 8.69 16.20 4.76
CA MET A 194 8.67 16.41 6.20
C MET A 194 8.85 15.09 6.94
N HIS A 195 9.83 15.05 7.83
CA HIS A 195 10.16 13.83 8.58
C HIS A 195 10.88 14.23 9.87
N GLU A 196 10.78 13.41 10.91
CA GLU A 196 11.33 13.81 12.21
C GLU A 196 12.87 13.84 12.20
N ALA A 197 13.49 13.14 11.26
CA ALA A 197 14.94 13.06 11.23
C ALA A 197 15.57 14.19 10.41
N LEU A 198 14.73 15.06 9.84
CA LEU A 198 15.23 16.23 9.10
C LEU A 198 15.37 17.46 10.01
N HIS A 199 16.37 18.29 9.73
CA HIS A 199 16.51 19.58 10.39
C HIS A 199 15.24 20.40 10.16
N ASN A 200 14.68 20.95 11.23
CA ASN A 200 13.39 21.65 11.22
C ASN A 200 12.23 20.79 10.72
N HIS A 201 12.42 19.48 10.69
CA HIS A 201 11.43 18.54 10.19
C HIS A 201 11.06 18.78 8.72
N TYR A 202 11.92 19.46 7.97
CA TYR A 202 11.55 19.91 6.64
C TYR A 202 12.77 20.03 5.74
N THR A 203 12.64 19.57 4.50
CA THR A 203 13.65 19.81 3.47
C THR A 203 12.99 19.93 2.11
N GLN A 204 13.68 20.60 1.19
CA GLN A 204 13.16 20.86 -0.15
C GLN A 204 14.23 20.58 -1.21
N LYS A 205 13.85 19.88 -2.27
CA LYS A 205 14.75 19.62 -3.40
C LYS A 205 14.11 20.14 -4.68
N SER A 206 14.92 20.79 -5.52
CA SER A 206 14.39 21.42 -6.74
C SER A 206 14.63 20.59 -7.99
N LEU A 207 13.85 20.88 -9.04
CA LEU A 207 13.93 20.15 -10.30
C LEU A 207 13.54 21.08 -11.45
N SER A 208 14.41 21.19 -12.45
CA SER A 208 14.08 21.98 -13.63
C SER A 208 14.93 21.55 -14.82
N LEU A 209 14.52 21.99 -16.01
CA LEU A 209 15.19 21.61 -17.23
C LEU A 209 16.46 22.43 -17.46
N GLY B 1 -18.83 -16.51 20.84
CA GLY B 1 -17.90 -16.30 19.74
C GLY B 1 -18.08 -17.32 18.63
N GLY B 2 -19.32 -17.77 18.44
CA GLY B 2 -19.63 -18.78 17.45
C GLY B 2 -19.84 -18.22 16.06
N GLY B 3 -19.42 -18.96 15.04
CA GLY B 3 -19.59 -18.56 13.66
C GLY B 3 -18.28 -18.23 12.96
N PRO B 4 -17.81 -19.15 12.10
CA PRO B 4 -16.61 -18.89 11.31
C PRO B 4 -16.82 -17.77 10.30
N SER B 5 -15.73 -17.27 9.73
CA SER B 5 -15.77 -16.19 8.73
C SER B 5 -15.04 -16.65 7.46
N VAL B 6 -15.52 -16.21 6.30
CA VAL B 6 -14.97 -16.67 5.04
C VAL B 6 -14.41 -15.52 4.20
N PHE B 7 -13.25 -15.73 3.60
CA PHE B 7 -12.66 -14.74 2.70
C PHE B 7 -12.23 -15.43 1.41
N LEU B 8 -12.46 -14.75 0.28
CA LEU B 8 -12.16 -15.34 -1.03
C LEU B 8 -11.13 -14.49 -1.78
N PHE B 9 -10.05 -15.12 -2.22
CA PHE B 9 -8.93 -14.39 -2.82
C PHE B 9 -8.69 -14.78 -4.28
N PRO B 10 -8.38 -13.78 -5.13
CA PRO B 10 -8.14 -13.98 -6.57
C PRO B 10 -6.76 -14.58 -6.85
N PRO B 11 -6.53 -15.03 -8.09
CA PRO B 11 -5.18 -15.48 -8.45
C PRO B 11 -4.18 -14.34 -8.52
N LYS B 12 -2.90 -14.65 -8.49
CA LYS B 12 -1.86 -13.64 -8.73
C LYS B 12 -1.83 -13.23 -10.20
N PRO B 13 -1.65 -11.93 -10.46
CA PRO B 13 -1.65 -11.38 -11.82
C PRO B 13 -0.72 -12.14 -12.76
N LYS B 14 0.50 -12.46 -12.32
CA LYS B 14 1.43 -13.21 -13.17
C LYS B 14 0.92 -14.60 -13.52
N ASP B 15 0.25 -15.25 -12.58
CA ASP B 15 -0.21 -16.62 -12.81
C ASP B 15 -1.27 -16.70 -13.91
N THR B 16 -2.10 -15.67 -14.02
CA THR B 16 -3.15 -15.64 -15.03
C THR B 16 -2.62 -15.24 -16.40
N LEU B 17 -1.49 -14.55 -16.45
CA LEU B 17 -0.96 -14.00 -17.70
C LEU B 17 0.06 -14.90 -18.38
N MET B 18 0.70 -15.78 -17.60
CA MET B 18 1.72 -16.68 -18.13
C MET B 18 1.22 -18.10 -18.22
N ILE B 19 1.27 -18.67 -19.43
CA ILE B 19 0.65 -19.97 -19.65
C ILE B 19 1.38 -21.11 -18.92
N SER B 20 2.66 -20.91 -18.64
CA SER B 20 3.45 -21.89 -17.89
C SER B 20 3.11 -21.93 -16.40
N ARG B 21 2.41 -20.92 -15.90
CA ARG B 21 2.06 -20.87 -14.48
C ARG B 21 0.64 -21.41 -14.24
N THR B 22 0.29 -21.61 -12.98
CA THR B 22 -1.01 -22.17 -12.63
C THR B 22 -1.80 -21.25 -11.67
N PRO B 23 -2.78 -20.52 -12.21
CA PRO B 23 -3.60 -19.62 -11.39
C PRO B 23 -4.63 -20.38 -10.55
N GLU B 24 -4.84 -19.90 -9.33
CA GLU B 24 -5.81 -20.53 -8.43
C GLU B 24 -6.57 -19.51 -7.60
N VAL B 25 -7.82 -19.84 -7.29
CA VAL B 25 -8.65 -19.06 -6.38
C VAL B 25 -8.64 -19.71 -5.00
N THR B 26 -8.54 -18.89 -3.95
CA THR B 26 -8.36 -19.43 -2.60
C THR B 26 -9.48 -19.01 -1.63
N CYS B 27 -10.16 -20.01 -1.05
CA CYS B 27 -11.21 -19.76 -0.08
C CYS B 27 -10.72 -20.06 1.33
N VAL B 28 -10.69 -19.04 2.19
CA VAL B 28 -10.12 -19.17 3.53
C VAL B 28 -11.19 -19.01 4.62
N VAL B 29 -11.24 -19.97 5.54
CA VAL B 29 -12.21 -19.94 6.64
C VAL B 29 -11.50 -19.77 7.98
N VAL B 30 -11.82 -18.70 8.70
CA VAL B 30 -11.20 -18.45 10.00
C VAL B 30 -12.21 -18.61 11.13
N ASP B 31 -11.70 -18.63 12.36
CA ASP B 31 -12.52 -18.76 13.55
C ASP B 31 -13.34 -20.05 13.54
N VAL B 32 -12.72 -21.13 13.09
CA VAL B 32 -13.35 -22.45 13.18
C VAL B 32 -13.06 -23.03 14.57
N SER B 33 -14.10 -23.55 15.23
CA SER B 33 -13.96 -23.99 16.61
C SER B 33 -13.46 -25.43 16.74
N HIS B 34 -12.90 -25.76 17.90
CA HIS B 34 -12.52 -27.13 18.22
C HIS B 34 -13.76 -27.99 18.47
N GLU B 35 -14.87 -27.35 18.84
CA GLU B 35 -16.12 -28.06 19.06
C GLU B 35 -16.76 -28.42 17.72
N ASP B 36 -16.56 -27.57 16.72
CA ASP B 36 -17.16 -27.77 15.40
C ASP B 36 -16.13 -27.70 14.28
N PRO B 37 -15.19 -28.66 14.23
CA PRO B 37 -14.04 -28.50 13.33
C PRO B 37 -14.25 -28.88 11.87
N GLU B 38 -15.32 -29.59 11.52
CA GLU B 38 -15.50 -30.03 10.13
C GLU B 38 -16.04 -28.93 9.23
N VAL B 39 -15.36 -28.70 8.11
CA VAL B 39 -15.78 -27.69 7.15
C VAL B 39 -15.94 -28.31 5.77
N LYS B 40 -17.05 -28.01 5.10
CA LYS B 40 -17.33 -28.55 3.78
C LYS B 40 -17.31 -27.42 2.75
N PHE B 41 -16.72 -27.67 1.59
CA PHE B 41 -16.64 -26.66 0.53
C PHE B 41 -17.41 -27.10 -0.72
N ASN B 42 -18.25 -26.21 -1.22
CA ASN B 42 -18.87 -26.38 -2.54
C ASN B 42 -18.44 -25.22 -3.45
N TRP B 43 -17.89 -25.54 -4.62
CA TRP B 43 -17.39 -24.53 -5.56
C TRP B 43 -18.27 -24.47 -6.81
N TYR B 44 -18.48 -23.27 -7.33
CA TYR B 44 -19.27 -23.10 -8.54
C TYR B 44 -18.59 -22.16 -9.52
N VAL B 45 -18.70 -22.46 -10.80
CA VAL B 45 -18.15 -21.59 -11.85
C VAL B 45 -19.30 -21.18 -12.75
N ASP B 46 -19.61 -19.89 -12.74
CA ASP B 46 -20.81 -19.35 -13.39
C ASP B 46 -22.07 -20.15 -13.02
N GLY B 47 -22.19 -20.49 -11.74
CA GLY B 47 -23.37 -21.18 -11.24
C GLY B 47 -23.34 -22.70 -11.41
N VAL B 48 -22.35 -23.22 -12.11
CA VAL B 48 -22.21 -24.65 -12.31
C VAL B 48 -21.20 -25.24 -11.35
N GLU B 49 -21.60 -26.28 -10.61
CA GLU B 49 -20.71 -26.86 -9.62
C GLU B 49 -19.53 -27.60 -10.24
N VAL B 50 -18.35 -27.39 -9.65
CA VAL B 50 -17.13 -28.06 -10.10
C VAL B 50 -16.52 -28.79 -8.91
N HIS B 51 -15.73 -29.82 -9.18
CA HIS B 51 -15.29 -30.74 -8.13
C HIS B 51 -13.78 -30.89 -7.99
N ASN B 52 -13.00 -30.03 -8.64
CA ASN B 52 -11.54 -30.21 -8.67
C ASN B 52 -10.77 -29.46 -7.58
N ALA B 53 -11.47 -28.91 -6.59
CA ALA B 53 -10.79 -28.19 -5.52
C ALA B 53 -10.02 -29.13 -4.58
N LYS B 54 -8.94 -28.61 -4.01
CA LYS B 54 -8.15 -29.34 -3.03
C LYS B 54 -8.17 -28.66 -1.66
N THR B 55 -8.57 -29.40 -0.64
CA THR B 55 -8.72 -28.85 0.71
C THR B 55 -7.47 -29.12 1.53
N LYS B 56 -6.96 -28.08 2.17
CA LYS B 56 -5.72 -28.14 2.94
C LYS B 56 -6.02 -28.64 4.34
N PRO B 57 -5.02 -29.24 5.01
CA PRO B 57 -5.29 -29.66 6.40
C PRO B 57 -5.50 -28.48 7.34
N ARG B 58 -6.35 -28.64 8.34
CA ARG B 58 -6.62 -27.57 9.30
C ARG B 58 -5.40 -27.16 10.10
N GLU B 59 -5.30 -25.85 10.35
CA GLU B 59 -4.22 -25.26 11.14
C GLU B 59 -4.68 -24.47 12.35
N GLU B 60 -4.06 -24.76 13.48
CA GLU B 60 -4.35 -24.07 14.73
C GLU B 60 -3.70 -22.69 14.78
N GLN B 61 -4.44 -21.72 15.29
CA GLN B 61 -3.93 -20.36 15.38
C GLN B 61 -3.56 -20.06 16.84
N TYR B 62 -2.91 -18.91 17.03
CA TYR B 62 -2.46 -18.50 18.36
C TYR B 62 -3.64 -18.26 19.31
N ASN B 63 -4.79 -17.87 18.74
CA ASN B 63 -5.99 -17.64 19.53
C ASN B 63 -6.86 -18.90 19.66
N SER B 64 -6.22 -20.06 19.46
CA SER B 64 -6.83 -21.37 19.68
C SER B 64 -7.94 -21.72 18.69
N THR B 65 -8.06 -20.96 17.60
CA THR B 65 -9.01 -21.33 16.55
C THR B 65 -8.32 -22.05 15.41
N TYR B 66 -9.14 -22.66 14.54
CA TYR B 66 -8.64 -23.33 13.34
C TYR B 66 -8.72 -22.41 12.14
N ARG B 67 -7.87 -22.67 11.16
CA ARG B 67 -7.91 -21.97 9.88
C ARG B 67 -7.97 -23.06 8.82
N VAL B 68 -8.95 -22.97 7.93
CA VAL B 68 -9.15 -24.02 6.91
C VAL B 68 -9.18 -23.40 5.53
N VAL B 69 -8.44 -23.99 4.60
CA VAL B 69 -8.29 -23.43 3.26
C VAL B 69 -8.63 -24.41 2.15
N SER B 70 -9.34 -23.93 1.14
CA SER B 70 -9.65 -24.70 -0.06
C SER B 70 -9.13 -23.94 -1.29
N VAL B 71 -8.44 -24.66 -2.18
CA VAL B 71 -7.84 -24.04 -3.35
C VAL B 71 -8.42 -24.63 -4.65
N LEU B 72 -8.93 -23.74 -5.51
CA LEU B 72 -9.48 -24.16 -6.79
C LEU B 72 -8.61 -23.70 -7.96
N THR B 73 -8.08 -24.64 -8.73
CA THR B 73 -7.32 -24.28 -9.93
C THR B 73 -8.30 -23.83 -11.01
N VAL B 74 -7.95 -22.76 -11.71
CA VAL B 74 -8.80 -22.20 -12.75
C VAL B 74 -8.03 -22.12 -14.08
N LEU B 75 -8.78 -22.15 -15.18
CA LEU B 75 -8.19 -21.93 -16.51
C LEU B 75 -7.90 -20.45 -16.70
N HIS B 76 -6.70 -20.15 -17.21
CA HIS B 76 -6.29 -18.77 -17.49
C HIS B 76 -7.38 -18.01 -18.25
N GLN B 77 -7.84 -18.61 -19.34
CA GLN B 77 -8.79 -17.94 -20.22
C GLN B 77 -10.15 -17.72 -19.57
N ASP B 78 -10.53 -18.61 -18.65
CA ASP B 78 -11.77 -18.47 -17.89
C ASP B 78 -11.72 -17.23 -16.99
N TRP B 79 -10.63 -17.08 -16.25
CA TRP B 79 -10.49 -15.90 -15.40
C TRP B 79 -10.46 -14.63 -16.24
N LEU B 80 -9.66 -14.63 -17.30
CA LEU B 80 -9.50 -13.45 -18.14
C LEU B 80 -10.78 -13.07 -18.88
N ASN B 81 -11.66 -14.06 -19.13
CA ASN B 81 -12.93 -13.78 -19.80
C ASN B 81 -14.06 -13.47 -18.83
N GLY B 82 -13.75 -13.35 -17.55
CA GLY B 82 -14.71 -12.83 -16.59
C GLY B 82 -15.69 -13.79 -15.94
N LYS B 83 -15.39 -15.09 -15.95
CA LYS B 83 -16.26 -16.03 -15.25
C LYS B 83 -16.26 -15.76 -13.74
N GLU B 84 -17.39 -15.99 -13.10
CA GLU B 84 -17.49 -15.80 -11.66
C GLU B 84 -17.23 -17.09 -10.89
N TYR B 85 -16.47 -16.99 -9.80
CA TYR B 85 -16.14 -18.13 -8.97
C TYR B 85 -16.78 -17.99 -7.60
N LYS B 86 -17.48 -19.04 -7.17
CA LYS B 86 -18.21 -18.98 -5.93
C LYS B 86 -17.81 -20.09 -4.96
N CYS B 87 -17.59 -19.71 -3.71
CA CYS B 87 -17.25 -20.64 -2.64
C CYS B 87 -18.38 -20.67 -1.62
N LYS B 88 -18.92 -21.85 -1.34
CA LYS B 88 -19.99 -21.98 -0.35
C LYS B 88 -19.49 -22.83 0.82
N VAL B 89 -19.54 -22.26 2.02
CA VAL B 89 -18.95 -22.89 3.19
C VAL B 89 -20.01 -23.32 4.21
N SER B 90 -19.98 -24.60 4.58
CA SER B 90 -20.87 -25.12 5.62
C SER B 90 -20.09 -25.62 6.85
N ASN B 91 -20.62 -25.27 8.03
CA ASN B 91 -20.06 -25.66 9.31
C ASN B 91 -21.21 -25.67 10.32
N LYS B 92 -21.17 -26.56 11.30
CA LYS B 92 -22.31 -26.71 12.21
C LYS B 92 -22.60 -25.43 13.00
N ALA B 93 -21.55 -24.67 13.29
CA ALA B 93 -21.67 -23.43 14.05
C ALA B 93 -22.44 -22.34 13.29
N LEU B 94 -22.64 -22.54 11.99
CA LEU B 94 -23.35 -21.56 11.17
C LEU B 94 -24.85 -21.82 11.08
N PRO B 95 -25.67 -20.78 11.31
CA PRO B 95 -27.12 -20.88 11.14
C PRO B 95 -27.48 -21.21 9.69
N ALA B 96 -26.71 -20.65 8.75
CA ALA B 96 -26.88 -20.94 7.33
C ALA B 96 -25.51 -20.95 6.64
N PRO B 97 -25.40 -21.64 5.49
CA PRO B 97 -24.11 -21.65 4.78
C PRO B 97 -23.72 -20.26 4.31
N ILE B 98 -22.42 -19.97 4.30
CA ILE B 98 -21.91 -18.69 3.84
C ILE B 98 -21.39 -18.79 2.40
N GLU B 99 -21.79 -17.83 1.57
CA GLU B 99 -21.43 -17.81 0.16
C GLU B 99 -20.63 -16.55 -0.19
N LYS B 100 -19.54 -16.74 -0.92
CA LYS B 100 -18.74 -15.63 -1.46
C LYS B 100 -18.48 -15.82 -2.95
N THR B 101 -18.47 -14.71 -3.69
CA THR B 101 -18.20 -14.73 -5.13
C THR B 101 -17.14 -13.70 -5.54
N ILE B 102 -16.23 -14.08 -6.44
CA ILE B 102 -15.27 -13.14 -7.00
C ILE B 102 -15.08 -13.35 -8.51
N SER B 103 -14.57 -12.32 -9.17
CA SER B 103 -14.23 -12.40 -10.59
C SER B 103 -13.24 -11.30 -10.91
N LYS B 104 -12.68 -11.33 -12.12
CA LYS B 104 -11.73 -10.32 -12.54
C LYS B 104 -12.38 -8.94 -12.56
N ALA B 105 -11.57 -7.90 -12.33
CA ALA B 105 -12.04 -6.53 -12.40
C ALA B 105 -12.63 -6.26 -13.78
N LYS B 106 -13.81 -5.63 -13.79
CA LYS B 106 -14.51 -5.32 -15.03
C LYS B 106 -14.03 -4.01 -15.62
N GLY B 107 -14.37 -3.76 -16.87
CA GLY B 107 -13.93 -2.54 -17.53
C GLY B 107 -12.95 -2.74 -18.66
N GLN B 108 -12.88 -1.71 -19.50
CA GLN B 108 -12.05 -1.71 -20.68
C GLN B 108 -10.58 -1.61 -20.25
N PRO B 109 -9.75 -2.62 -20.58
CA PRO B 109 -8.34 -2.55 -20.19
C PRO B 109 -7.55 -1.45 -20.91
N ARG B 110 -6.56 -0.89 -20.23
CA ARG B 110 -5.71 0.14 -20.79
C ARG B 110 -4.24 -0.29 -20.63
N GLU B 111 -3.46 -0.15 -21.70
CA GLU B 111 -2.08 -0.61 -21.67
C GLU B 111 -1.15 0.33 -20.91
N PRO B 112 -0.30 -0.25 -20.06
CA PRO B 112 0.67 0.52 -19.28
C PRO B 112 1.72 1.20 -20.15
N GLN B 113 2.11 2.41 -19.77
CA GLN B 113 3.24 3.09 -20.38
C GLN B 113 4.43 2.86 -19.45
N VAL B 114 5.55 2.39 -19.98
CA VAL B 114 6.71 2.02 -19.17
C VAL B 114 7.93 2.90 -19.46
N TYR B 115 8.43 3.57 -18.42
CA TYR B 115 9.57 4.48 -18.53
C TYR B 115 10.66 4.12 -17.53
N THR B 116 11.91 4.09 -17.99
CA THR B 116 13.03 3.88 -17.08
C THR B 116 13.76 5.18 -16.78
N LEU B 117 14.18 5.34 -15.52
CA LEU B 117 14.85 6.55 -15.07
C LEU B 117 16.19 6.21 -14.43
N PRO B 118 17.27 6.84 -14.89
CA PRO B 118 18.60 6.57 -14.35
C PRO B 118 18.78 7.13 -12.93
N PRO B 119 19.86 6.76 -12.24
CA PRO B 119 20.10 7.33 -10.91
C PRO B 119 20.31 8.84 -10.95
N SER B 120 19.95 9.52 -9.86
CA SER B 120 20.22 10.96 -9.74
C SER B 120 21.72 11.21 -9.67
N ARG B 121 22.15 12.39 -10.13
CA ARG B 121 23.56 12.78 -10.00
C ARG B 121 23.96 12.80 -8.53
N GLU B 122 23.02 13.20 -7.67
CA GLU B 122 23.20 13.28 -6.23
C GLU B 122 23.54 11.94 -5.58
N GLU B 123 23.04 10.86 -6.17
CA GLU B 123 23.18 9.53 -5.59
C GLU B 123 24.53 8.85 -5.89
N MET B 124 25.29 9.39 -6.82
CA MET B 124 26.55 8.77 -7.23
C MET B 124 27.67 8.84 -6.17
N THR B 125 27.41 9.52 -5.06
CA THR B 125 28.34 9.52 -3.94
C THR B 125 28.27 8.23 -3.11
N LYS B 126 27.27 7.40 -3.38
CA LYS B 126 27.01 6.19 -2.59
C LYS B 126 27.64 4.95 -3.23
N ASN B 127 27.81 3.88 -2.45
CA ASN B 127 28.32 2.62 -2.96
C ASN B 127 27.31 1.92 -3.88
N GLN B 128 26.03 2.14 -3.60
CA GLN B 128 24.95 1.58 -4.42
C GLN B 128 24.04 2.68 -4.98
N VAL B 129 23.41 2.42 -6.11
CA VAL B 129 22.55 3.41 -6.73
C VAL B 129 21.19 2.81 -7.06
N SER B 130 20.21 3.67 -7.30
CA SER B 130 18.83 3.24 -7.53
C SER B 130 18.43 3.41 -9.00
N LEU B 131 17.95 2.34 -9.62
CA LEU B 131 17.40 2.38 -10.98
C LEU B 131 15.87 2.37 -10.88
N THR B 132 15.19 3.25 -11.60
CA THR B 132 13.73 3.39 -11.43
C THR B 132 12.95 3.02 -12.67
N CYS B 133 11.86 2.30 -12.47
CA CYS B 133 10.91 2.00 -13.53
C CYS B 133 9.55 2.60 -13.17
N LEU B 134 9.07 3.52 -14.00
CA LEU B 134 7.73 4.08 -13.84
C LEU B 134 6.75 3.41 -14.78
N VAL B 135 5.66 2.90 -14.22
CA VAL B 135 4.61 2.26 -15.01
C VAL B 135 3.29 2.99 -14.75
N LYS B 136 2.71 3.60 -15.79
CA LYS B 136 1.52 4.42 -15.59
C LYS B 136 0.43 4.22 -16.64
N GLY B 137 -0.78 4.68 -16.31
CA GLY B 137 -1.89 4.68 -17.24
C GLY B 137 -2.51 3.31 -17.52
N PHE B 138 -2.35 2.37 -16.59
CA PHE B 138 -2.90 1.04 -16.84
C PHE B 138 -4.18 0.76 -16.06
N TYR B 139 -5.01 -0.11 -16.64
CA TYR B 139 -6.23 -0.60 -16.02
C TYR B 139 -6.55 -1.99 -16.56
N PRO B 140 -6.97 -2.92 -15.69
CA PRO B 140 -7.12 -2.74 -14.24
C PRO B 140 -5.79 -2.77 -13.49
N SER B 141 -5.84 -2.79 -12.16
CA SER B 141 -4.64 -2.66 -11.34
C SER B 141 -3.79 -3.92 -11.27
N ASP B 142 -4.29 -5.01 -11.86
CA ASP B 142 -3.55 -6.28 -11.87
C ASP B 142 -2.34 -6.20 -12.79
N ILE B 143 -1.14 -6.32 -12.21
CA ILE B 143 0.09 -6.12 -12.95
C ILE B 143 1.26 -6.77 -12.22
N ALA B 144 2.32 -7.10 -12.97
CA ALA B 144 3.55 -7.62 -12.37
C ALA B 144 4.77 -6.97 -13.01
N VAL B 145 5.79 -6.72 -12.20
CA VAL B 145 7.02 -6.06 -12.65
C VAL B 145 8.24 -6.85 -12.16
N GLU B 146 9.22 -7.06 -13.04
CA GLU B 146 10.47 -7.73 -12.68
C GLU B 146 11.66 -7.06 -13.36
N TRP B 147 12.86 -7.35 -12.85
CA TRP B 147 14.09 -6.79 -13.40
C TRP B 147 15.05 -7.90 -13.85
N GLU B 148 15.82 -7.65 -14.89
CA GLU B 148 16.85 -8.60 -15.32
C GLU B 148 18.11 -7.89 -15.76
N SER B 149 19.22 -8.62 -15.80
CA SER B 149 20.47 -8.14 -16.38
C SER B 149 21.27 -9.33 -16.90
N ASN B 150 21.78 -9.21 -18.12
CA ASN B 150 22.60 -10.25 -18.74
C ASN B 150 21.93 -11.63 -18.75
N GLY B 151 20.63 -11.67 -19.04
CA GLY B 151 19.89 -12.92 -19.08
C GLY B 151 19.81 -13.62 -17.74
N GLN B 152 19.79 -12.84 -16.66
CA GLN B 152 19.70 -13.41 -15.34
C GLN B 152 18.73 -12.54 -14.54
N PRO B 153 17.92 -13.13 -13.66
CA PRO B 153 17.07 -12.32 -12.78
C PRO B 153 17.88 -11.51 -11.74
N GLU B 154 17.46 -10.26 -11.51
CA GLU B 154 17.99 -9.44 -10.43
C GLU B 154 17.06 -9.57 -9.24
N ASN B 155 17.61 -9.66 -8.03
CA ASN B 155 16.74 -9.88 -6.87
C ASN B 155 16.57 -8.68 -5.93
N ASN B 156 17.49 -7.71 -5.98
CA ASN B 156 17.46 -6.62 -5.02
C ASN B 156 16.57 -5.46 -5.48
N TYR B 157 15.29 -5.74 -5.67
CA TYR B 157 14.35 -4.69 -6.05
C TYR B 157 13.05 -4.77 -5.26
N LYS B 158 12.34 -3.66 -5.21
CA LYS B 158 11.05 -3.56 -4.54
C LYS B 158 10.09 -2.76 -5.40
N THR B 159 8.82 -3.12 -5.37
CA THR B 159 7.81 -2.45 -6.18
C THR B 159 6.69 -1.90 -5.28
N THR B 160 6.28 -0.66 -5.52
CA THR B 160 5.18 -0.08 -4.75
C THR B 160 3.88 -0.73 -5.18
N PRO B 161 2.86 -0.71 -4.30
CA PRO B 161 1.55 -1.16 -4.76
C PRO B 161 0.98 -0.19 -5.80
N PRO B 162 -0.01 -0.62 -6.58
CA PRO B 162 -0.63 0.29 -7.54
C PRO B 162 -1.36 1.43 -6.82
N VAL B 163 -1.27 2.63 -7.39
CA VAL B 163 -1.90 3.83 -6.85
C VAL B 163 -2.88 4.39 -7.86
N LEU B 164 -4.07 4.73 -7.41
CA LEU B 164 -5.09 5.32 -8.28
C LEU B 164 -4.67 6.71 -8.71
N ASP B 165 -4.59 6.93 -10.01
CA ASP B 165 -4.24 8.25 -10.52
C ASP B 165 -5.51 9.08 -10.69
N SER B 166 -5.36 10.37 -10.96
CA SER B 166 -6.50 11.27 -11.02
C SER B 166 -7.45 10.95 -12.17
N ASP B 167 -6.94 10.32 -13.23
CA ASP B 167 -7.76 10.03 -14.40
C ASP B 167 -8.43 8.66 -14.34
N GLY B 168 -8.36 8.01 -13.19
CA GLY B 168 -8.97 6.70 -13.00
C GLY B 168 -8.11 5.51 -13.39
N SER B 169 -6.94 5.77 -13.96
CA SER B 169 -5.98 4.70 -14.24
C SER B 169 -5.08 4.50 -13.03
N PHE B 170 -4.17 3.54 -13.12
CA PHE B 170 -3.24 3.26 -12.03
C PHE B 170 -1.79 3.50 -12.44
N PHE B 171 -0.93 3.78 -11.46
CA PHE B 171 0.50 3.81 -11.70
C PHE B 171 1.25 3.12 -10.56
N LEU B 172 2.51 2.77 -10.81
CA LEU B 172 3.41 2.31 -9.76
C LEU B 172 4.85 2.61 -10.11
N TYR B 173 5.73 2.47 -9.13
CA TYR B 173 7.16 2.53 -9.37
C TYR B 173 7.83 1.23 -8.89
N SER B 174 8.88 0.82 -9.58
CA SER B 174 9.73 -0.27 -9.11
C SER B 174 11.16 0.23 -8.98
N LYS B 175 11.83 -0.14 -7.90
CA LYS B 175 13.18 0.34 -7.62
C LYS B 175 14.18 -0.80 -7.52
N LEU B 176 15.16 -0.82 -8.43
CA LEU B 176 16.26 -1.79 -8.39
C LEU B 176 17.53 -1.16 -7.84
N THR B 177 18.13 -1.80 -6.84
CA THR B 177 19.38 -1.32 -6.25
C THR B 177 20.56 -2.13 -6.74
N VAL B 178 21.58 -1.46 -7.28
CA VAL B 178 22.79 -2.14 -7.79
C VAL B 178 24.07 -1.47 -7.31
N ASP B 179 25.17 -2.21 -7.30
CA ASP B 179 26.48 -1.62 -7.07
C ASP B 179 26.79 -0.53 -8.11
N LYS B 180 27.30 0.61 -7.67
CA LYS B 180 27.61 1.72 -8.57
C LYS B 180 28.54 1.28 -9.69
N SER B 181 29.48 0.39 -9.39
CA SER B 181 30.45 -0.06 -10.37
C SER B 181 29.78 -0.83 -11.53
N ARG B 182 28.71 -1.56 -11.24
CA ARG B 182 27.99 -2.28 -12.28
C ARG B 182 27.30 -1.29 -13.24
N TRP B 183 26.82 -0.19 -12.68
CA TRP B 183 26.19 0.86 -13.47
C TRP B 183 27.23 1.59 -14.32
N GLN B 184 28.35 1.96 -13.69
CA GLN B 184 29.41 2.69 -14.40
C GLN B 184 30.11 1.86 -15.49
N GLN B 185 30.13 0.54 -15.32
CA GLN B 185 30.74 -0.34 -16.32
C GLN B 185 29.92 -0.43 -17.60
N GLY B 186 28.69 0.07 -17.57
CA GLY B 186 27.83 0.09 -18.74
C GLY B 186 26.95 -1.13 -18.93
N ASN B 187 26.81 -1.94 -17.87
CA ASN B 187 25.90 -3.07 -17.92
C ASN B 187 24.47 -2.60 -18.19
N VAL B 188 23.73 -3.40 -18.94
CA VAL B 188 22.35 -3.07 -19.32
C VAL B 188 21.35 -3.75 -18.39
N PHE B 189 20.42 -2.97 -17.86
CA PHE B 189 19.37 -3.51 -16.98
C PHE B 189 18.01 -3.40 -17.65
N SER B 190 17.15 -4.36 -17.39
CA SER B 190 15.84 -4.41 -18.05
C SER B 190 14.68 -4.48 -17.07
N CYS B 191 13.67 -3.65 -17.29
CA CYS B 191 12.44 -3.65 -16.50
C CYS B 191 11.35 -4.38 -17.29
N SER B 192 10.88 -5.50 -16.76
CA SER B 192 9.86 -6.31 -17.41
C SER B 192 8.50 -6.10 -16.79
N VAL B 193 7.49 -5.89 -17.63
CA VAL B 193 6.14 -5.61 -17.16
C VAL B 193 5.13 -6.57 -17.81
N MET B 194 4.22 -7.08 -17.00
CA MET B 194 3.18 -8.00 -17.47
C MET B 194 1.79 -7.48 -17.12
N HIS B 195 0.95 -7.38 -18.15
CA HIS B 195 -0.40 -6.85 -18.00
C HIS B 195 -1.26 -7.39 -19.14
N GLU B 196 -2.56 -7.53 -18.91
CA GLU B 196 -3.41 -8.14 -19.93
C GLU B 196 -3.61 -7.26 -21.16
N ALA B 197 -3.37 -5.96 -21.04
CA ALA B 197 -3.60 -5.05 -22.16
C ALA B 197 -2.38 -4.90 -23.07
N LEU B 198 -1.28 -5.55 -22.69
CA LEU B 198 -0.06 -5.55 -23.51
C LEU B 198 -0.07 -6.66 -24.53
N HIS B 199 0.51 -6.40 -25.69
CA HIS B 199 0.73 -7.43 -26.69
C HIS B 199 1.57 -8.56 -26.09
N ASN B 200 1.09 -9.80 -26.26
CA ASN B 200 1.69 -10.97 -25.62
C ASN B 200 1.74 -10.90 -24.09
N HIS B 201 0.96 -9.99 -23.52
CA HIS B 201 0.91 -9.74 -22.07
C HIS B 201 2.26 -9.30 -21.50
N TYR B 202 3.14 -8.79 -22.35
CA TYR B 202 4.52 -8.58 -21.94
C TYR B 202 5.21 -7.43 -22.66
N THR B 203 5.97 -6.63 -21.91
CA THR B 203 6.86 -5.64 -22.51
C THR B 203 8.11 -5.49 -21.66
N GLN B 204 9.19 -5.02 -22.29
CA GLN B 204 10.47 -4.85 -21.62
C GLN B 204 11.11 -3.52 -22.02
N LYS B 205 11.64 -2.79 -21.04
CA LYS B 205 12.37 -1.54 -21.31
C LYS B 205 13.77 -1.62 -20.71
N SER B 206 14.78 -1.15 -21.44
CA SER B 206 16.15 -1.25 -20.98
C SER B 206 16.67 0.06 -20.37
N LEU B 207 17.72 -0.04 -19.57
CA LEU B 207 18.31 1.12 -18.90
C LEU B 207 19.81 0.87 -18.76
N SER B 208 20.61 1.81 -19.25
CA SER B 208 22.06 1.74 -19.10
C SER B 208 22.66 3.12 -19.26
N LEU B 209 23.94 3.26 -18.88
CA LEU B 209 24.62 4.56 -18.89
C LEU B 209 25.07 4.98 -20.29
N PHE C 1 2.82 27.17 5.38
CA PHE C 1 3.07 27.31 6.80
C PHE C 1 4.08 28.41 7.07
N ASN C 2 4.18 28.81 8.34
CA ASN C 2 5.14 29.83 8.73
C ASN C 2 6.46 29.19 9.11
N MET C 3 7.49 29.54 8.35
CA MET C 3 8.82 28.98 8.51
C MET C 3 9.38 29.34 9.90
N GLN C 4 9.22 30.60 10.30
CA GLN C 4 9.71 31.09 11.58
C GLN C 4 9.22 30.28 12.78
N CYS C 5 7.92 30.03 12.84
CA CYS C 5 7.37 29.26 13.95
C CYS C 5 7.85 27.82 13.92
N GLN C 6 8.01 27.26 12.72
CA GLN C 6 8.53 25.91 12.57
C GLN C 6 9.98 25.80 13.07
N ARG C 7 10.79 26.79 12.74
CA ARG C 7 12.19 26.84 13.18
C ARG C 7 12.29 26.94 14.70
N ARG C 8 11.48 27.81 15.30
CA ARG C 8 11.47 27.97 16.76
C ARG C 8 11.06 26.69 17.47
N PHE C 9 10.05 26.03 16.93
CA PHE C 9 9.55 24.77 17.47
C PHE C 9 10.65 23.72 17.53
N TYR C 10 11.39 23.57 16.44
CA TYR C 10 12.44 22.56 16.35
C TYR C 10 13.57 22.84 17.34
N GLU C 11 13.95 24.11 17.48
CA GLU C 11 14.99 24.52 18.42
C GLU C 11 14.64 24.13 19.84
N ALA C 12 13.41 24.46 20.24
CA ALA C 12 12.91 24.15 21.58
C ALA C 12 12.82 22.65 21.81
N LEU C 13 12.44 21.92 20.77
CA LEU C 13 12.35 20.46 20.84
C LEU C 13 13.68 19.84 21.24
N HIS C 14 14.77 20.40 20.73
CA HIS C 14 16.10 19.84 20.95
C HIS C 14 17.02 20.69 21.82
N ASP C 15 16.45 21.64 22.57
CA ASP C 15 17.24 22.53 23.44
C ASP C 15 17.71 21.79 24.68
N PRO C 16 19.04 21.65 24.84
CA PRO C 16 19.60 20.89 25.98
C PRO C 16 19.51 21.63 27.32
N ASN C 17 19.18 22.91 27.31
CA ASN C 17 19.09 23.69 28.54
C ASN C 17 17.74 23.56 29.25
N LEU C 18 16.78 22.85 28.64
CA LEU C 18 15.42 22.81 29.18
C LEU C 18 15.02 21.42 29.67
N ASN C 19 14.22 21.37 30.72
CA ASN C 19 13.59 20.13 31.19
C ASN C 19 12.21 20.01 30.53
N GLU C 20 11.45 18.96 30.84
CA GLU C 20 10.17 18.77 30.13
C GLU C 20 9.18 19.91 30.30
N GLU C 21 8.97 20.37 31.53
CA GLU C 21 8.05 21.48 31.77
C GLU C 21 8.51 22.76 31.11
N GLN C 22 9.81 23.01 31.16
CA GLN C 22 10.38 24.18 30.52
C GLN C 22 10.23 24.06 29.00
N ARG C 23 10.50 22.88 28.47
CA ARG C 23 10.33 22.63 27.03
C ARG C 23 8.87 22.74 26.62
N ASN C 24 7.99 22.14 27.41
CA ASN C 24 6.56 22.23 27.16
C ASN C 24 6.06 23.68 27.21
N ALA C 25 6.58 24.45 28.17
CA ALA C 25 6.18 25.84 28.29
C ALA C 25 6.62 26.67 27.09
N LYS C 26 7.88 26.48 26.67
CA LYS C 26 8.42 27.21 25.54
C LYS C 26 7.67 26.90 24.25
N ILE C 27 7.39 25.62 24.02
CA ILE C 27 6.68 25.18 22.83
C ILE C 27 5.25 25.71 22.84
N LYS C 28 4.64 25.75 24.02
CA LYS C 28 3.31 26.31 24.20
C LYS C 28 3.30 27.80 23.82
N SER C 29 4.37 28.50 24.21
CA SER C 29 4.53 29.91 23.88
C SER C 29 4.59 30.11 22.37
N ILE C 30 5.41 29.30 21.70
CA ILE C 30 5.60 29.37 20.26
C ILE C 30 4.27 29.11 19.54
N ARG C 31 3.53 28.15 20.05
CA ARG C 31 2.24 27.77 19.47
C ARG C 31 1.25 28.93 19.53
N ASP C 32 1.27 29.68 20.63
CA ASP C 32 0.43 30.88 20.79
C ASP C 32 0.72 32.00 19.79
N ASP C 33 1.95 32.05 19.29
CA ASP C 33 2.37 33.17 18.45
C ASP C 33 1.76 33.03 17.06
N CYS C 34 2.42 32.29 16.18
CA CYS C 34 1.93 32.16 14.82
C CYS C 34 1.47 30.73 14.57
N PHE D 1 11.10 -18.97 -18.69
CA PHE D 1 10.10 -18.19 -19.41
C PHE D 1 10.46 -18.11 -20.89
N ASN D 2 9.64 -18.76 -21.71
CA ASN D 2 9.84 -18.83 -23.14
C ASN D 2 8.98 -17.82 -23.95
N MET D 3 9.62 -16.97 -24.75
CA MET D 3 8.91 -15.98 -25.57
C MET D 3 7.88 -16.57 -26.54
N GLN D 4 8.27 -17.63 -27.23
CA GLN D 4 7.41 -18.31 -28.19
C GLN D 4 6.08 -18.75 -27.56
N CYS D 5 6.17 -19.33 -26.36
CA CYS D 5 4.99 -19.85 -25.66
C CYS D 5 4.00 -18.75 -25.29
N GLN D 6 4.51 -17.58 -24.91
CA GLN D 6 3.63 -16.46 -24.61
C GLN D 6 2.89 -16.00 -25.85
N ARG D 7 3.58 -15.95 -26.99
CA ARG D 7 2.95 -15.52 -28.24
C ARG D 7 1.82 -16.47 -28.65
N ARG D 8 2.08 -17.77 -28.55
CA ARG D 8 1.08 -18.76 -28.92
C ARG D 8 -0.16 -18.66 -28.03
N PHE D 9 0.05 -18.50 -26.73
CA PHE D 9 -1.04 -18.36 -25.78
C PHE D 9 -1.89 -17.12 -26.07
N TYR D 10 -1.25 -15.98 -26.29
CA TYR D 10 -1.95 -14.72 -26.54
C TYR D 10 -2.76 -14.71 -27.83
N GLU D 11 -2.17 -15.20 -28.92
CA GLU D 11 -2.94 -15.31 -30.18
C GLU D 11 -4.11 -16.27 -30.04
N ALA D 12 -3.88 -17.41 -29.39
CA ALA D 12 -4.96 -18.38 -29.23
C ALA D 12 -6.09 -17.77 -28.39
N LEU D 13 -5.71 -16.99 -27.39
CA LEU D 13 -6.66 -16.31 -26.52
C LEU D 13 -7.57 -15.36 -27.30
N HIS D 14 -7.01 -14.71 -28.32
CA HIS D 14 -7.74 -13.71 -29.10
C HIS D 14 -8.02 -14.16 -30.54
N ASP D 15 -7.91 -15.46 -30.78
CA ASP D 15 -8.09 -16.01 -32.12
C ASP D 15 -9.56 -16.03 -32.53
N PRO D 16 -9.91 -15.27 -33.57
CA PRO D 16 -11.30 -15.17 -34.04
C PRO D 16 -11.76 -16.42 -34.79
N ASN D 17 -10.83 -17.32 -35.10
CA ASN D 17 -11.14 -18.53 -35.86
C ASN D 17 -11.70 -19.68 -35.02
N LEU D 18 -11.67 -19.52 -33.70
CA LEU D 18 -11.99 -20.63 -32.80
C LEU D 18 -13.21 -20.40 -31.92
N ASN D 19 -13.93 -21.49 -31.60
CA ASN D 19 -14.96 -21.43 -30.57
C ASN D 19 -14.37 -21.79 -29.20
N GLU D 20 -15.20 -21.79 -28.16
CA GLU D 20 -14.71 -21.99 -26.80
C GLU D 20 -14.02 -23.34 -26.61
N GLU D 21 -14.62 -24.41 -27.13
CA GLU D 21 -14.06 -25.74 -27.00
C GLU D 21 -12.75 -25.92 -27.77
N GLN D 22 -12.67 -25.35 -28.98
CA GLN D 22 -11.43 -25.39 -29.78
C GLN D 22 -10.31 -24.59 -29.15
N ARG D 23 -10.64 -23.39 -28.67
CA ARG D 23 -9.64 -22.56 -28.00
C ARG D 23 -9.13 -23.22 -26.73
N ASN D 24 -10.03 -23.82 -25.95
CA ASN D 24 -9.62 -24.54 -24.75
C ASN D 24 -8.66 -25.67 -25.09
N ALA D 25 -8.94 -26.38 -26.19
CA ALA D 25 -8.08 -27.47 -26.65
C ALA D 25 -6.71 -26.96 -27.07
N LYS D 26 -6.69 -25.89 -27.84
CA LYS D 26 -5.43 -25.30 -28.31
C LYS D 26 -4.58 -24.80 -27.15
N ILE D 27 -5.22 -24.16 -26.18
CA ILE D 27 -4.52 -23.62 -25.02
C ILE D 27 -3.94 -24.75 -24.18
N LYS D 28 -4.67 -25.85 -24.05
CA LYS D 28 -4.13 -27.00 -23.33
C LYS D 28 -2.91 -27.60 -24.03
N SER D 29 -2.94 -27.64 -25.36
CA SER D 29 -1.81 -28.13 -26.12
C SER D 29 -0.58 -27.29 -25.86
N ILE D 30 -0.74 -25.97 -25.91
CA ILE D 30 0.35 -25.05 -25.65
C ILE D 30 0.88 -25.25 -24.23
N ARG D 31 -0.04 -25.41 -23.29
CA ARG D 31 0.31 -25.62 -21.88
C ARG D 31 1.10 -26.91 -21.69
N ASP D 32 0.70 -27.96 -22.39
CA ASP D 32 1.43 -29.22 -22.34
C ASP D 32 2.84 -29.05 -22.89
N ASP D 33 2.99 -28.13 -23.84
CA ASP D 33 4.25 -27.92 -24.56
C ASP D 33 5.25 -27.03 -23.82
N CYS D 34 4.74 -26.11 -23.03
CA CYS D 34 5.57 -25.12 -22.37
C CYS D 34 5.62 -25.37 -20.86
#